data_4P7D
#
_entry.id   4P7D
#
_cell.length_a   69.840
_cell.length_b   76.870
_cell.length_c   118.170
_cell.angle_alpha   90.00
_cell.angle_beta   90.00
_cell.angle_gamma   90.00
#
_symmetry.space_group_name_H-M   'P 21 21 21'
#
loop_
_entity.id
_entity.type
_entity.pdbx_description
1 polymer 'Antitoxin HicB3'
2 non-polymer 'CHLORIDE ION'
#
_entity_poly.entity_id   1
_entity_poly.type   'polypeptide(L)'
_entity_poly.pdbx_seq_one_letter_code
;(MSE)IYPIFIFKTVEGFDGYFPDIDGCFFAGNTFADISKNAEEAFAVHIEAL(MSE)NEGFPLPSPPKDPHRYIDDPRL
KEEGGILGFVEIDPAKYESKAVKFNLT(MSE)SQNLLTAIDKFIATNRGYKNRSQFLAELAREKIISLEHHHHHH
;
_entity_poly.pdbx_strand_id   A,B,C,D
#
loop_
_chem_comp.id
_chem_comp.type
_chem_comp.name
_chem_comp.formula
CL non-polymer 'CHLORIDE ION' 'Cl -1'
#
# COMPACT_ATOMS: atom_id res chain seq x y z
N MSE A 1 -22.39 -16.99 -1.08
CA MSE A 1 -22.30 -18.41 -1.35
C MSE A 1 -20.88 -18.90 -1.05
O MSE A 1 -19.94 -18.12 -1.03
CB MSE A 1 -22.70 -18.72 -2.80
CG MSE A 1 -21.68 -18.25 -3.85
SE MSE A 1 -22.23 -18.32 -5.76
CE MSE A 1 -22.85 -16.56 -5.99
N ILE A 2 -20.74 -20.20 -0.84
CA ILE A 2 -19.48 -20.75 -0.35
C ILE A 2 -18.61 -21.41 -1.41
N TYR A 3 -17.42 -20.89 -1.64
CA TYR A 3 -16.45 -21.63 -2.45
C TYR A 3 -15.36 -22.11 -1.52
N PRO A 4 -14.96 -23.36 -1.64
CA PRO A 4 -13.84 -23.79 -0.80
C PRO A 4 -12.48 -23.37 -1.37
N ILE A 5 -11.53 -23.12 -0.47
CA ILE A 5 -10.17 -22.89 -0.92
C ILE A 5 -9.18 -23.78 -0.20
N PHE A 6 -8.16 -24.25 -0.93
CA PHE A 6 -7.06 -24.96 -0.29
C PHE A 6 -5.92 -23.99 0.08
N ILE A 7 -5.47 -24.05 1.32
CA ILE A 7 -4.45 -23.12 1.75
C ILE A 7 -3.18 -23.85 2.21
N PHE A 8 -2.06 -23.56 1.57
CA PHE A 8 -0.80 -24.19 1.96
C PHE A 8 0.16 -23.17 2.54
N LYS A 9 0.86 -23.52 3.61
CA LYS A 9 1.90 -22.64 4.12
C LYS A 9 3.03 -22.48 3.08
N THR A 10 3.72 -21.35 3.18
CA THR A 10 4.72 -20.95 2.21
C THR A 10 5.70 -20.17 3.03
N VAL A 11 6.99 -20.27 2.71
CA VAL A 11 8.03 -19.71 3.59
C VAL A 11 7.72 -18.26 3.98
N GLU A 12 7.31 -17.45 3.00
CA GLU A 12 6.96 -16.07 3.32
C GLU A 12 5.45 -15.83 3.30
N GLY A 13 4.69 -16.75 3.89
CA GLY A 13 3.24 -16.60 4.01
C GLY A 13 2.41 -17.82 3.64
N PHE A 14 1.53 -17.66 2.66
CA PHE A 14 0.67 -18.74 2.21
C PHE A 14 0.51 -18.76 0.70
N ASP A 15 -0.04 -19.87 0.26
CA ASP A 15 -0.12 -20.29 -1.11
C ASP A 15 -1.50 -20.90 -1.23
N GLY A 16 -2.22 -20.68 -2.33
CA GLY A 16 -3.54 -21.29 -2.42
C GLY A 16 -4.23 -21.29 -3.77
N TYR A 17 -5.34 -22.02 -3.84
CA TYR A 17 -6.20 -22.02 -5.03
C TYR A 17 -7.61 -22.54 -4.77
N PHE A 18 -8.43 -22.50 -5.81
CA PHE A 18 -9.80 -22.97 -5.73
C PHE A 18 -9.92 -24.32 -6.39
N PRO A 19 -10.42 -25.33 -5.66
CA PRO A 19 -10.51 -26.63 -6.32
C PRO A 19 -11.57 -26.65 -7.41
N ASP A 20 -12.51 -25.71 -7.40
CA ASP A 20 -13.63 -25.79 -8.33
C ASP A 20 -13.43 -24.88 -9.54
N ILE A 21 -12.39 -24.08 -9.50
CA ILE A 21 -12.17 -23.07 -10.51
C ILE A 21 -10.79 -23.23 -11.12
N ASP A 22 -10.74 -23.67 -12.38
CA ASP A 22 -9.46 -23.95 -13.00
C ASP A 22 -8.75 -22.66 -13.35
N GLY A 23 -7.52 -22.51 -12.86
CA GLY A 23 -6.70 -21.36 -13.16
C GLY A 23 -7.03 -20.15 -12.30
N CYS A 24 -6.85 -20.30 -11.00
CA CYS A 24 -7.34 -19.28 -10.08
C CYS A 24 -6.56 -19.29 -8.77
N PHE A 25 -5.24 -19.17 -8.89
CA PHE A 25 -4.35 -19.25 -7.76
C PHE A 25 -4.24 -17.92 -7.02
N PHE A 26 -3.96 -18.00 -5.74
CA PHE A 26 -3.70 -16.79 -4.97
C PHE A 26 -2.52 -17.01 -3.99
N ALA A 27 -2.02 -15.94 -3.40
CA ALA A 27 -0.98 -16.04 -2.37
C ALA A 27 -0.96 -14.78 -1.50
N GLY A 28 -0.25 -14.82 -0.39
CA GLY A 28 -0.11 -13.64 0.44
C GLY A 28 0.80 -13.83 1.64
N ASN A 29 0.76 -12.89 2.56
CA ASN A 29 1.65 -12.91 3.71
C ASN A 29 0.94 -12.98 5.07
N THR A 30 -0.07 -12.14 5.28
CA THR A 30 -0.69 -12.05 6.60
C THR A 30 -1.90 -12.94 6.69
N PHE A 31 -2.51 -12.98 7.86
CA PHE A 31 -3.72 -13.74 7.99
C PHE A 31 -4.77 -13.04 7.19
N ALA A 32 -4.88 -11.72 7.34
CA ALA A 32 -5.93 -10.98 6.65
C ALA A 32 -5.92 -11.29 5.15
N ASP A 33 -4.73 -11.37 4.56
CA ASP A 33 -4.60 -11.53 3.10
C ASP A 33 -5.20 -12.79 2.56
N ILE A 34 -5.40 -13.81 3.41
CA ILE A 34 -6.02 -15.04 2.94
C ILE A 34 -7.40 -14.79 2.32
N SER A 35 -8.34 -14.25 3.08
CA SER A 35 -9.64 -14.03 2.47
C SER A 35 -9.52 -12.94 1.40
N LYS A 36 -8.85 -11.84 1.72
CA LYS A 36 -8.82 -10.70 0.80
C LYS A 36 -8.15 -10.98 -0.57
N ASN A 37 -7.07 -11.75 -0.58
CA ASN A 37 -6.41 -12.03 -1.85
C ASN A 37 -7.06 -13.18 -2.62
N ALA A 38 -7.71 -14.10 -1.91
CA ALA A 38 -8.47 -15.14 -2.58
C ALA A 38 -9.68 -14.55 -3.29
N GLU A 39 -10.40 -13.67 -2.61
CA GLU A 39 -11.58 -13.08 -3.23
C GLU A 39 -11.15 -12.17 -4.38
N GLU A 40 -9.92 -11.70 -4.33
CA GLU A 40 -9.41 -10.85 -5.39
C GLU A 40 -9.10 -11.64 -6.65
N ALA A 41 -8.39 -12.76 -6.49
CA ALA A 41 -8.14 -13.70 -7.58
C ALA A 41 -9.45 -14.18 -8.20
N PHE A 42 -10.43 -14.49 -7.36
CA PHE A 42 -11.76 -14.86 -7.82
C PHE A 42 -12.44 -13.78 -8.65
N ALA A 43 -12.56 -12.58 -8.08
CA ALA A 43 -13.21 -11.51 -8.80
C ALA A 43 -12.56 -11.25 -10.15
N VAL A 44 -11.26 -11.45 -10.20
CA VAL A 44 -10.51 -11.10 -11.40
C VAL A 44 -10.77 -12.15 -12.45
N HIS A 45 -10.49 -13.40 -12.10
CA HIS A 45 -10.74 -14.51 -12.98
C HIS A 45 -12.21 -14.51 -13.42
N ILE A 46 -13.12 -14.25 -12.51
CA ILE A 46 -14.52 -14.27 -12.94
C ILE A 46 -14.86 -13.04 -13.77
N GLU A 47 -13.94 -12.10 -13.86
CA GLU A 47 -14.16 -11.00 -14.82
C GLU A 47 -13.61 -11.40 -16.20
N ALA A 48 -12.45 -12.05 -16.22
CA ALA A 48 -11.87 -12.59 -17.44
C ALA A 48 -12.90 -13.46 -18.13
N LEU A 49 -13.38 -14.45 -17.39
CA LEU A 49 -14.35 -15.39 -17.90
C LEU A 49 -15.52 -14.70 -18.56
N MSE A 50 -16.14 -13.71 -17.92
CA MSE A 50 -17.37 -13.29 -18.57
C MSE A 50 -17.14 -12.15 -19.53
O MSE A 50 -18.03 -11.79 -20.30
CB MSE A 50 -18.47 -12.92 -17.58
CG MSE A 50 -18.40 -11.57 -16.96
SE MSE A 50 -19.96 -11.52 -15.77
CE MSE A 50 -19.22 -12.45 -14.20
N ASN A 51 -15.94 -11.59 -19.50
CA ASN A 51 -15.55 -10.66 -20.53
C ASN A 51 -15.66 -11.39 -21.85
N GLU A 52 -15.30 -12.67 -21.82
CA GLU A 52 -15.07 -13.45 -23.02
C GLU A 52 -16.23 -14.40 -23.31
N GLY A 53 -17.29 -14.30 -22.51
CA GLY A 53 -18.49 -15.07 -22.72
C GLY A 53 -18.33 -16.52 -22.31
N PHE A 54 -17.43 -16.78 -21.38
CA PHE A 54 -17.33 -18.11 -20.84
C PHE A 54 -18.35 -18.27 -19.74
N PRO A 55 -18.72 -19.53 -19.45
CA PRO A 55 -19.55 -19.89 -18.31
C PRO A 55 -18.82 -19.70 -16.97
N LEU A 56 -19.57 -19.27 -15.98
CA LEU A 56 -19.03 -19.01 -14.66
C LEU A 56 -19.11 -20.28 -13.82
N PRO A 57 -18.13 -20.47 -12.93
CA PRO A 57 -18.20 -21.69 -12.09
C PRO A 57 -19.30 -21.57 -11.05
N SER A 58 -19.86 -22.69 -10.62
CA SER A 58 -20.85 -22.68 -9.55
C SER A 58 -20.15 -23.10 -8.29
N PRO A 59 -20.74 -22.80 -7.13
CA PRO A 59 -20.20 -23.43 -5.92
C PRO A 59 -20.58 -24.92 -5.82
N PRO A 60 -19.68 -25.74 -5.26
CA PRO A 60 -19.93 -27.18 -5.18
C PRO A 60 -21.01 -27.52 -4.17
N LYS A 61 -21.55 -28.73 -4.28
CA LYS A 61 -22.64 -29.14 -3.43
C LYS A 61 -22.20 -29.12 -1.97
N ASP A 62 -21.34 -30.07 -1.62
CA ASP A 62 -20.94 -30.19 -0.24
C ASP A 62 -19.49 -29.80 -0.07
N PRO A 63 -19.22 -28.49 0.08
CA PRO A 63 -17.87 -27.94 0.12
C PRO A 63 -16.98 -28.62 1.16
N HIS A 64 -17.59 -28.96 2.30
CA HIS A 64 -16.88 -29.58 3.41
C HIS A 64 -16.30 -30.94 3.07
N ARG A 65 -16.96 -31.68 2.20
CA ARG A 65 -16.47 -32.99 1.79
C ARG A 65 -15.20 -32.87 0.96
N TYR A 66 -14.56 -31.73 1.04
CA TYR A 66 -13.22 -31.58 0.50
C TYR A 66 -12.19 -31.93 1.55
N ILE A 67 -12.61 -31.97 2.81
CA ILE A 67 -11.72 -32.37 3.91
C ILE A 67 -10.91 -33.62 3.57
N ASP A 68 -11.61 -34.65 3.08
CA ASP A 68 -11.00 -35.95 2.79
C ASP A 68 -10.17 -35.96 1.50
N ASP A 69 -10.23 -34.87 0.73
CA ASP A 69 -9.44 -34.73 -0.49
C ASP A 69 -7.95 -35.05 -0.30
N PRO A 70 -7.42 -35.97 -1.13
CA PRO A 70 -6.01 -36.38 -1.14
C PRO A 70 -5.00 -35.24 -1.27
N ARG A 71 -5.14 -34.35 -2.27
CA ARG A 71 -4.18 -33.26 -2.48
C ARG A 71 -4.14 -32.29 -1.28
N LEU A 72 -4.92 -32.60 -0.24
CA LEU A 72 -4.95 -31.76 0.94
C LEU A 72 -4.08 -32.31 2.07
N LYS A 73 -4.09 -33.63 2.28
CA LYS A 73 -3.18 -34.20 3.27
C LYS A 73 -1.80 -34.42 2.64
N GLU A 74 -1.80 -34.92 1.40
CA GLU A 74 -0.57 -35.20 0.63
C GLU A 74 0.45 -34.07 0.61
N GLU A 75 -0.01 -32.85 0.88
CA GLU A 75 0.89 -31.70 0.80
C GLU A 75 1.03 -30.94 2.11
N GLY A 76 -0.06 -30.77 2.85
CA GLY A 76 0.00 -30.09 4.14
C GLY A 76 -0.96 -28.93 4.17
N GLY A 77 -2.09 -29.11 3.49
CA GLY A 77 -3.07 -28.06 3.34
C GLY A 77 -4.16 -28.06 4.38
N ILE A 78 -4.92 -26.96 4.42
CA ILE A 78 -6.15 -26.90 5.18
C ILE A 78 -7.22 -26.40 4.25
N LEU A 79 -8.46 -26.51 4.72
CA LEU A 79 -9.60 -26.10 3.93
C LEU A 79 -10.00 -24.70 4.37
N GLY A 80 -10.40 -23.86 3.43
CA GLY A 80 -10.99 -22.59 3.80
C GLY A 80 -12.37 -22.41 3.19
N PHE A 81 -13.19 -21.58 3.82
CA PHE A 81 -14.47 -21.20 3.20
C PHE A 81 -14.53 -19.70 2.96
N VAL A 82 -14.58 -19.29 1.70
CA VAL A 82 -14.89 -17.91 1.43
C VAL A 82 -16.37 -17.76 1.04
N GLU A 83 -17.03 -16.81 1.68
CA GLU A 83 -18.38 -16.45 1.30
C GLU A 83 -18.33 -15.32 0.29
N ILE A 84 -18.87 -15.59 -0.89
CA ILE A 84 -18.95 -14.59 -1.96
C ILE A 84 -20.38 -14.10 -2.17
N ASP A 85 -20.59 -12.79 -2.28
CA ASP A 85 -21.92 -12.27 -2.55
C ASP A 85 -22.18 -12.19 -4.06
N PRO A 86 -23.12 -13.03 -4.56
CA PRO A 86 -23.58 -13.13 -5.96
C PRO A 86 -24.02 -11.82 -6.55
N ALA A 87 -24.58 -10.94 -5.73
CA ALA A 87 -24.93 -9.60 -6.20
C ALA A 87 -23.67 -8.88 -6.68
N LYS A 88 -22.53 -9.10 -6.04
CA LYS A 88 -21.35 -8.35 -6.42
C LYS A 88 -20.74 -8.84 -7.74
N TYR A 89 -21.16 -10.00 -8.24
CA TYR A 89 -20.57 -10.45 -9.49
C TYR A 89 -21.57 -10.51 -10.61
N GLU A 90 -22.77 -9.99 -10.40
CA GLU A 90 -23.72 -9.88 -11.48
C GLU A 90 -23.14 -8.93 -12.53
N SER A 91 -23.56 -9.06 -13.79
CA SER A 91 -23.02 -8.21 -14.84
C SER A 91 -23.97 -7.06 -15.15
N LYS A 92 -24.99 -6.93 -14.31
CA LYS A 92 -25.85 -5.74 -14.28
C LYS A 92 -25.00 -4.46 -14.34
N ALA A 93 -25.42 -3.49 -15.14
CA ALA A 93 -24.70 -2.24 -15.19
C ALA A 93 -24.84 -1.49 -13.88
N VAL A 94 -23.85 -0.66 -13.55
CA VAL A 94 -23.87 0.12 -12.31
C VAL A 94 -23.13 1.42 -12.52
N LYS A 95 -23.80 2.52 -12.17
CA LYS A 95 -23.33 3.87 -12.42
C LYS A 95 -22.47 4.32 -11.23
N PHE A 96 -21.32 4.93 -11.52
CA PHE A 96 -20.49 5.47 -10.44
C PHE A 96 -19.80 6.76 -10.84
N ASN A 97 -19.03 7.31 -9.93
CA ASN A 97 -18.57 8.66 -10.11
C ASN A 97 -17.06 8.69 -9.87
N LEU A 98 -16.37 9.51 -10.65
CA LEU A 98 -14.92 9.63 -10.58
C LEU A 98 -14.55 11.09 -10.65
N THR A 99 -13.47 11.47 -9.97
CA THR A 99 -12.98 12.82 -10.08
C THR A 99 -11.61 12.81 -10.70
N MSE A 100 -11.39 13.64 -11.70
CA MSE A 100 -10.03 13.91 -12.10
C MSE A 100 -9.87 15.26 -12.81
O MSE A 100 -10.83 15.98 -13.04
CB MSE A 100 -9.51 12.74 -12.96
CG MSE A 100 -10.27 12.43 -14.21
SE MSE A 100 -9.67 10.72 -15.04
CE MSE A 100 -10.74 9.41 -14.07
N SER A 101 -8.63 15.64 -13.08
CA SER A 101 -8.38 16.97 -13.58
C SER A 101 -9.01 17.15 -14.95
N GLN A 102 -9.45 18.38 -15.23
CA GLN A 102 -9.93 18.78 -16.55
C GLN A 102 -9.04 18.28 -17.68
N ASN A 103 -7.74 18.59 -17.57
CA ASN A 103 -6.79 18.21 -18.59
C ASN A 103 -6.85 16.73 -18.89
N LEU A 104 -6.76 15.89 -17.88
CA LEU A 104 -6.82 14.46 -18.15
C LEU A 104 -8.15 14.06 -18.84
N LEU A 105 -9.27 14.58 -18.34
CA LEU A 105 -10.55 14.22 -18.93
C LEU A 105 -10.68 14.75 -20.37
N THR A 106 -10.06 15.89 -20.69
CA THR A 106 -10.09 16.36 -22.07
C THR A 106 -9.29 15.44 -22.98
N ALA A 107 -8.13 14.97 -22.50
CA ALA A 107 -7.28 14.10 -23.29
C ALA A 107 -7.94 12.74 -23.56
N ILE A 108 -8.55 12.17 -22.53
CA ILE A 108 -9.32 10.95 -22.69
C ILE A 108 -10.39 11.13 -23.78
N ASP A 109 -11.03 12.29 -23.80
CA ASP A 109 -11.98 12.61 -24.86
C ASP A 109 -11.32 12.69 -26.25
N LYS A 110 -10.23 13.47 -26.37
CA LYS A 110 -9.53 13.57 -27.66
C LYS A 110 -9.00 12.20 -28.12
N PHE A 111 -8.44 11.43 -27.20
CA PHE A 111 -7.96 10.10 -27.54
C PHE A 111 -9.09 9.26 -28.10
N ILE A 112 -10.22 9.28 -27.41
CA ILE A 112 -11.36 8.43 -27.77
C ILE A 112 -12.00 8.86 -29.07
N ALA A 113 -12.20 10.17 -29.23
CA ALA A 113 -12.77 10.73 -30.46
C ALA A 113 -11.96 10.37 -31.70
N THR A 114 -10.68 10.10 -31.48
CA THR A 114 -9.73 9.87 -32.54
C THR A 114 -9.47 8.38 -32.73
N ASN A 115 -9.04 7.68 -31.69
CA ASN A 115 -8.60 6.27 -31.80
C ASN A 115 -9.74 5.27 -31.63
N ARG A 116 -10.96 5.63 -32.03
CA ARG A 116 -12.11 4.92 -31.48
C ARG A 116 -12.38 3.51 -32.03
N GLY A 117 -11.64 2.57 -31.45
CA GLY A 117 -12.14 1.24 -31.17
C GLY A 117 -12.68 1.40 -29.76
N TYR A 118 -13.00 2.65 -29.44
CA TYR A 118 -13.54 3.09 -28.15
C TYR A 118 -14.70 4.09 -28.39
N LYS A 119 -15.93 3.73 -28.03
CA LYS A 119 -17.06 4.60 -28.24
C LYS A 119 -17.08 5.74 -27.23
N ASN A 120 -16.91 5.42 -25.95
CA ASN A 120 -17.05 6.41 -24.89
C ASN A 120 -16.11 6.23 -23.72
N ARG A 121 -16.26 7.07 -22.72
CA ARG A 121 -15.45 7.01 -21.51
C ARG A 121 -15.49 5.67 -20.82
N SER A 122 -16.67 5.12 -20.61
CA SER A 122 -16.78 3.92 -19.81
C SER A 122 -15.97 2.76 -20.38
N GLN A 123 -16.17 2.43 -21.64
CA GLN A 123 -15.44 1.26 -22.13
C GLN A 123 -13.94 1.54 -22.33
N PHE A 124 -13.54 2.79 -22.52
CA PHE A 124 -12.12 3.07 -22.55
C PHE A 124 -11.42 2.73 -21.23
N LEU A 125 -11.92 3.32 -20.15
CA LEU A 125 -11.42 3.07 -18.81
C LEU A 125 -11.62 1.60 -18.43
N ALA A 126 -12.70 0.99 -18.94
CA ALA A 126 -12.94 -0.44 -18.70
C ALA A 126 -11.88 -1.32 -19.38
N GLU A 127 -11.61 -1.08 -20.66
CA GLU A 127 -10.63 -1.90 -21.36
C GLU A 127 -9.32 -1.74 -20.65
N LEU A 128 -9.04 -0.50 -20.27
CA LEU A 128 -7.82 -0.14 -19.58
C LEU A 128 -7.65 -0.86 -18.23
N ALA A 129 -8.70 -0.89 -17.41
CA ALA A 129 -8.54 -1.56 -16.13
C ALA A 129 -8.40 -3.07 -16.29
N ARG A 130 -9.05 -3.63 -17.31
CA ARG A 130 -8.98 -5.07 -17.58
C ARG A 130 -7.55 -5.53 -17.82
N GLU A 131 -6.84 -4.83 -18.69
CA GLU A 131 -5.44 -5.14 -18.96
C GLU A 131 -4.58 -5.04 -17.69
N LYS A 132 -4.88 -4.10 -16.81
CA LYS A 132 -4.02 -3.97 -15.63
C LYS A 132 -4.29 -5.05 -14.59
N ILE A 133 -5.56 -5.23 -14.20
CA ILE A 133 -5.86 -6.10 -13.06
C ILE A 133 -5.53 -7.54 -13.36
N ILE A 134 -5.20 -7.82 -14.63
CA ILE A 134 -4.88 -9.16 -15.11
C ILE A 134 -3.47 -9.67 -14.71
N SER A 135 -3.30 -10.99 -14.76
CA SER A 135 -2.01 -11.65 -14.56
C SER A 135 -2.01 -13.07 -15.15
N MSE B 1 3.99 13.75 -8.23
CA MSE B 1 4.66 12.80 -9.12
C MSE B 1 6.08 13.26 -9.30
O MSE B 1 6.36 14.44 -9.30
CB MSE B 1 3.91 12.67 -10.44
CG MSE B 1 3.80 13.96 -11.25
SE MSE B 1 2.55 13.90 -12.80
CE MSE B 1 0.94 13.95 -11.77
N ILE B 2 7.00 12.30 -9.44
CA ILE B 2 8.42 12.59 -9.39
C ILE B 2 9.08 12.38 -10.73
N TYR B 3 9.70 13.44 -11.26
CA TYR B 3 10.41 13.34 -12.52
C TYR B 3 11.91 13.36 -12.32
N PRO B 4 12.64 12.58 -13.13
CA PRO B 4 14.10 12.47 -13.11
C PRO B 4 14.80 13.68 -13.70
N ILE B 5 16.00 14.02 -13.20
CA ILE B 5 16.87 15.02 -13.86
C ILE B 5 18.32 14.60 -13.81
N PHE B 6 19.11 14.99 -14.81
CA PHE B 6 20.56 14.85 -14.73
C PHE B 6 21.19 16.19 -14.39
N ILE B 7 22.18 16.16 -13.51
CA ILE B 7 22.87 17.34 -13.01
C ILE B 7 24.35 17.23 -13.30
N PHE B 8 24.92 18.26 -13.93
CA PHE B 8 26.36 18.27 -14.25
C PHE B 8 27.09 19.48 -13.61
N LYS B 9 28.35 19.29 -13.21
CA LYS B 9 29.02 20.28 -12.38
C LYS B 9 29.24 21.65 -13.03
N THR B 10 29.89 21.77 -14.19
CA THR B 10 30.15 23.12 -14.74
C THR B 10 31.04 23.99 -13.83
N VAL B 11 31.67 25.02 -14.38
CA VAL B 11 32.69 25.75 -13.65
C VAL B 11 32.16 26.69 -12.56
N GLU B 12 31.26 27.60 -12.89
CA GLU B 12 30.61 28.34 -11.83
C GLU B 12 29.15 27.92 -11.89
N GLY B 13 28.79 27.04 -10.97
CA GLY B 13 27.43 26.55 -10.91
C GLY B 13 27.22 25.09 -11.23
N PHE B 14 26.19 24.82 -12.02
CA PHE B 14 25.83 23.49 -12.47
C PHE B 14 24.81 23.67 -13.56
N ASP B 15 24.81 22.76 -14.53
CA ASP B 15 23.77 22.78 -15.55
C ASP B 15 23.13 21.39 -15.60
N GLY B 16 21.85 21.33 -15.90
CA GLY B 16 21.20 20.05 -16.00
C GLY B 16 20.05 20.05 -16.98
N TYR B 17 19.44 18.88 -17.16
CA TYR B 17 18.27 18.74 -18.01
C TYR B 17 17.40 17.56 -17.58
N PHE B 18 16.17 17.54 -18.10
CA PHE B 18 15.31 16.35 -18.03
C PHE B 18 15.59 15.49 -19.24
N PRO B 19 16.19 14.33 -19.03
CA PRO B 19 16.48 13.42 -20.14
C PRO B 19 15.22 12.92 -20.83
N ASP B 20 14.12 12.85 -20.10
CA ASP B 20 12.88 12.39 -20.69
C ASP B 20 12.09 13.52 -21.35
N ILE B 21 12.62 14.74 -21.33
CA ILE B 21 11.88 15.87 -21.91
C ILE B 21 12.82 16.80 -22.64
N ASP B 22 12.79 16.79 -23.97
CA ASP B 22 13.68 17.66 -24.73
C ASP B 22 13.31 19.13 -24.51
N GLY B 23 14.27 20.03 -24.69
CA GLY B 23 14.03 21.45 -24.49
C GLY B 23 13.70 21.82 -23.06
N CYS B 24 14.41 21.21 -22.12
CA CYS B 24 14.30 21.54 -20.70
C CYS B 24 15.66 21.57 -20.02
N PHE B 25 16.50 22.54 -20.38
CA PHE B 25 17.82 22.71 -19.74
C PHE B 25 17.64 23.67 -18.57
N PHE B 26 18.48 23.55 -17.56
CA PHE B 26 18.47 24.52 -16.49
C PHE B 26 19.86 24.69 -15.86
N ALA B 27 20.04 25.74 -15.07
CA ALA B 27 21.32 25.98 -14.37
C ALA B 27 21.19 26.83 -13.08
N GLY B 28 22.33 27.18 -12.49
CA GLY B 28 22.35 27.94 -11.25
C GLY B 28 23.69 27.68 -10.59
N ASN B 29 23.99 28.32 -9.46
CA ASN B 29 25.36 28.20 -8.94
C ASN B 29 25.53 27.34 -7.68
N THR B 30 24.65 27.48 -6.71
CA THR B 30 24.74 26.59 -5.57
C THR B 30 23.82 25.38 -5.79
N PHE B 31 24.26 24.20 -5.35
CA PHE B 31 23.44 23.00 -5.51
C PHE B 31 22.13 23.15 -4.76
N ALA B 32 22.00 24.18 -3.93
CA ALA B 32 20.77 24.37 -3.18
C ALA B 32 19.69 24.90 -4.09
N ASP B 33 20.10 25.31 -5.29
CA ASP B 33 19.21 25.87 -6.31
C ASP B 33 18.55 24.85 -7.28
N ILE B 34 19.03 23.62 -7.29
CA ILE B 34 18.61 22.61 -8.29
C ILE B 34 17.10 22.41 -8.53
N SER B 35 16.38 21.94 -7.53
CA SER B 35 14.98 21.61 -7.72
C SER B 35 14.14 22.84 -8.04
N LYS B 36 14.51 23.98 -7.45
CA LYS B 36 13.77 25.22 -7.72
C LYS B 36 14.01 25.65 -9.15
N ASN B 37 15.26 25.69 -9.56
CA ASN B 37 15.57 26.08 -10.92
C ASN B 37 14.95 25.13 -11.93
N ALA B 38 15.03 23.85 -11.65
CA ALA B 38 14.50 22.79 -12.52
C ALA B 38 12.99 22.90 -12.79
N GLU B 39 12.18 22.90 -11.73
CA GLU B 39 10.74 22.97 -11.89
C GLU B 39 10.33 24.21 -12.68
N GLU B 40 10.97 25.32 -12.42
CA GLU B 40 10.71 26.54 -13.17
C GLU B 40 10.97 26.34 -14.67
N ALA B 41 12.04 25.64 -15.02
CA ALA B 41 12.33 25.34 -16.43
C ALA B 41 11.27 24.43 -17.00
N PHE B 42 10.89 23.46 -16.18
CA PHE B 42 9.84 22.52 -16.49
C PHE B 42 8.54 23.26 -16.77
N ALA B 43 8.17 24.16 -15.87
CA ALA B 43 6.91 24.88 -15.96
C ALA B 43 6.86 25.82 -17.17
N VAL B 44 8.01 26.35 -17.58
CA VAL B 44 8.04 27.32 -18.67
C VAL B 44 7.79 26.64 -20.00
N HIS B 45 8.52 25.56 -20.26
CA HIS B 45 8.35 24.82 -21.50
C HIS B 45 6.93 24.22 -21.61
N ILE B 46 6.28 24.03 -20.47
CA ILE B 46 5.01 23.32 -20.39
C ILE B 46 3.80 24.25 -20.48
N GLU B 47 4.03 25.53 -20.24
CA GLU B 47 2.94 26.48 -20.23
C GLU B 47 2.55 26.74 -21.67
N ALA B 48 3.49 26.44 -22.57
CA ALA B 48 3.16 26.30 -24.00
C ALA B 48 1.90 25.48 -24.08
N LEU B 49 1.99 24.26 -23.53
CA LEU B 49 0.87 23.33 -23.49
C LEU B 49 -0.31 23.85 -22.68
N MSE B 50 -0.59 23.19 -21.57
CA MSE B 50 -1.92 23.22 -20.94
C MSE B 50 -2.60 24.54 -20.62
O MSE B 50 -3.56 24.55 -19.84
CB MSE B 50 -1.88 22.43 -19.66
CG MSE B 50 -0.93 22.93 -18.63
SE MSE B 50 -0.66 21.35 -17.59
CE MSE B 50 0.40 20.34 -18.91
N ASN B 51 -2.16 25.64 -21.21
CA ASN B 51 -3.07 26.73 -21.47
C ASN B 51 -3.93 26.28 -22.64
N GLU B 52 -3.45 25.24 -23.32
CA GLU B 52 -4.17 24.55 -24.38
C GLU B 52 -4.97 23.36 -23.83
N GLY B 53 -4.87 23.14 -22.51
CA GLY B 53 -5.56 22.03 -21.87
C GLY B 53 -4.92 20.68 -22.12
N PHE B 54 -3.60 20.62 -22.05
CA PHE B 54 -2.86 19.37 -22.26
C PHE B 54 -2.43 18.72 -20.94
N PRO B 55 -2.16 17.41 -20.96
CA PRO B 55 -1.93 16.75 -19.67
C PRO B 55 -0.45 16.66 -19.32
N LEU B 56 -0.12 16.62 -18.04
CA LEU B 56 1.24 16.32 -17.61
C LEU B 56 1.62 14.94 -18.10
N PRO B 57 2.89 14.75 -18.46
CA PRO B 57 3.28 13.40 -18.90
C PRO B 57 3.33 12.44 -17.74
N SER B 58 3.15 11.17 -18.03
CA SER B 58 3.21 10.16 -17.00
C SER B 58 4.68 9.99 -16.63
N PRO B 59 4.99 9.92 -15.33
CA PRO B 59 6.37 9.76 -14.85
C PRO B 59 6.85 8.32 -14.92
N PRO B 60 8.15 8.11 -15.11
CA PRO B 60 8.67 6.77 -15.39
C PRO B 60 8.58 5.86 -14.19
N LYS B 61 8.68 4.56 -14.44
CA LYS B 61 8.60 3.58 -13.37
C LYS B 61 9.89 2.75 -13.24
N ASP B 62 10.61 2.53 -14.33
CA ASP B 62 11.74 1.60 -14.27
C ASP B 62 13.00 2.30 -13.86
N PRO B 63 13.62 1.81 -12.78
CA PRO B 63 14.88 2.37 -12.30
C PRO B 63 16.12 1.88 -13.08
N HIS B 64 16.06 0.73 -13.74
CA HIS B 64 17.25 0.21 -14.39
C HIS B 64 17.64 1.12 -15.56
N ARG B 65 16.63 1.54 -16.32
CA ARG B 65 16.76 2.56 -17.37
C ARG B 65 17.82 3.60 -17.03
N TYR B 66 17.74 4.17 -15.83
CA TYR B 66 18.59 5.30 -15.45
C TYR B 66 19.90 4.87 -14.84
N ILE B 67 19.93 3.70 -14.22
CA ILE B 67 21.15 3.23 -13.58
C ILE B 67 22.12 2.69 -14.64
N ASP B 68 21.60 2.45 -15.84
CA ASP B 68 22.42 1.96 -16.95
C ASP B 68 22.80 3.06 -17.95
N ASP B 69 22.28 4.27 -17.76
CA ASP B 69 22.52 5.38 -18.68
C ASP B 69 24.00 5.82 -18.62
N PRO B 70 24.69 5.72 -19.76
CA PRO B 70 26.11 6.05 -19.86
C PRO B 70 26.45 7.46 -19.34
N ARG B 71 25.54 8.41 -19.51
CA ARG B 71 25.77 9.78 -19.01
C ARG B 71 25.91 9.84 -17.49
N LEU B 72 25.56 8.77 -16.81
CA LEU B 72 25.70 8.74 -15.36
C LEU B 72 26.85 7.84 -14.96
N LYS B 73 27.10 6.82 -15.78
CA LYS B 73 28.13 5.85 -15.45
C LYS B 73 29.55 6.31 -15.81
N GLU B 74 29.68 7.13 -16.85
CA GLU B 74 30.99 7.56 -17.39
C GLU B 74 31.22 9.07 -17.61
N GLU B 75 30.22 9.80 -18.10
CA GLU B 75 30.35 11.24 -18.38
C GLU B 75 30.04 12.15 -17.21
N GLY B 76 30.11 11.61 -15.99
CA GLY B 76 29.95 12.38 -14.77
C GLY B 76 28.63 13.07 -14.45
N GLY B 77 27.51 12.58 -14.97
CA GLY B 77 26.21 13.17 -14.64
C GLY B 77 25.68 12.73 -13.29
N ILE B 78 24.78 13.53 -12.72
CA ILE B 78 24.21 13.16 -11.42
C ILE B 78 22.68 13.18 -11.37
N LEU B 79 22.11 12.06 -10.94
CA LEU B 79 20.67 11.92 -10.86
C LEU B 79 20.06 12.80 -9.77
N GLY B 80 18.93 13.41 -10.08
CA GLY B 80 18.27 14.29 -9.14
C GLY B 80 16.79 14.09 -9.35
N PHE B 81 15.96 14.69 -8.50
CA PHE B 81 14.53 14.39 -8.49
C PHE B 81 13.68 15.62 -8.33
N VAL B 82 12.82 15.89 -9.29
CA VAL B 82 11.88 16.98 -9.12
C VAL B 82 10.52 16.47 -8.82
N GLU B 83 9.99 16.94 -7.69
CA GLU B 83 8.70 16.49 -7.24
C GLU B 83 7.65 17.50 -7.67
N ILE B 84 6.58 17.02 -8.26
CA ILE B 84 5.57 17.88 -8.82
C ILE B 84 4.19 17.48 -8.33
N ASP B 85 3.40 18.49 -7.95
CA ASP B 85 2.01 18.30 -7.60
C ASP B 85 1.13 18.65 -8.80
N PRO B 86 0.47 17.65 -9.37
CA PRO B 86 -0.40 17.84 -10.53
C PRO B 86 -1.52 18.84 -10.27
N ALA B 87 -2.08 18.82 -9.06
CA ALA B 87 -3.11 19.79 -8.68
C ALA B 87 -2.70 21.23 -9.00
N LYS B 88 -1.41 21.51 -8.90
CA LYS B 88 -0.90 22.84 -9.16
C LYS B 88 -0.89 23.18 -10.62
N TYR B 89 -0.53 22.23 -11.47
CA TYR B 89 -0.46 22.52 -12.90
C TYR B 89 -1.77 22.22 -13.61
N GLU B 90 -2.44 21.17 -13.17
CA GLU B 90 -3.73 20.82 -13.76
C GLU B 90 -4.86 21.54 -13.03
N SER B 91 -5.83 21.94 -13.84
CA SER B 91 -6.82 22.98 -13.53
C SER B 91 -7.73 22.75 -12.31
N LYS B 92 -9.03 22.82 -12.56
CA LYS B 92 -10.00 22.46 -11.54
C LYS B 92 -10.21 20.99 -11.72
N ALA B 93 -10.87 20.38 -10.74
CA ALA B 93 -11.20 18.97 -10.80
C ALA B 93 -12.42 18.80 -11.68
N VAL B 94 -12.59 17.64 -12.28
CA VAL B 94 -13.88 17.38 -12.90
C VAL B 94 -14.45 16.08 -12.36
N LYS B 95 -15.71 16.14 -11.90
CA LYS B 95 -16.43 14.96 -11.41
C LYS B 95 -17.39 14.48 -12.46
N PHE B 96 -17.36 13.19 -12.76
CA PHE B 96 -18.24 12.66 -13.81
C PHE B 96 -18.65 11.24 -13.57
N ASN B 97 -19.60 10.80 -14.38
CA ASN B 97 -20.21 9.49 -14.27
C ASN B 97 -19.76 8.53 -15.34
N LEU B 98 -19.65 7.28 -14.93
CA LEU B 98 -19.38 6.17 -15.80
C LEU B 98 -20.39 5.07 -15.53
N THR B 99 -20.50 4.15 -16.46
CA THR B 99 -21.27 2.94 -16.23
C THR B 99 -20.37 1.81 -16.58
N MSE B 100 -20.18 0.88 -15.65
CA MSE B 100 -19.73 -0.43 -16.07
C MSE B 100 -20.36 -1.55 -15.25
O MSE B 100 -20.99 -1.31 -14.23
CB MSE B 100 -18.20 -0.50 -16.07
CG MSE B 100 -17.52 -0.03 -14.83
SE MSE B 100 -15.56 -0.08 -15.00
CE MSE B 100 -15.14 1.52 -16.03
N SER B 101 -20.22 -2.78 -15.75
CA SER B 101 -20.73 -3.95 -15.05
C SER B 101 -20.24 -4.07 -13.61
N GLN B 102 -21.14 -4.55 -12.76
CA GLN B 102 -20.89 -4.79 -11.35
C GLN B 102 -19.60 -5.59 -11.15
N ASN B 103 -19.53 -6.75 -11.79
CA ASN B 103 -18.42 -7.67 -11.58
C ASN B 103 -17.09 -7.06 -11.93
N LEU B 104 -17.08 -6.09 -12.84
CA LEU B 104 -15.86 -5.38 -13.15
C LEU B 104 -15.49 -4.37 -12.02
N LEU B 105 -16.49 -3.63 -11.58
CA LEU B 105 -16.37 -2.72 -10.48
C LEU B 105 -15.89 -3.45 -9.23
N THR B 106 -16.47 -4.60 -8.98
CA THR B 106 -16.04 -5.43 -7.87
C THR B 106 -14.58 -5.79 -8.08
N ALA B 107 -14.25 -6.27 -9.27
CA ALA B 107 -12.88 -6.69 -9.52
C ALA B 107 -11.93 -5.54 -9.27
N ILE B 108 -12.27 -4.35 -9.76
CA ILE B 108 -11.39 -3.20 -9.58
C ILE B 108 -11.21 -2.88 -8.10
N ASP B 109 -12.32 -2.87 -7.38
CA ASP B 109 -12.27 -2.53 -5.97
C ASP B 109 -11.46 -3.55 -5.19
N LYS B 110 -11.58 -4.81 -5.55
CA LYS B 110 -10.78 -5.81 -4.87
C LYS B 110 -9.30 -5.71 -5.22
N PHE B 111 -9.00 -5.23 -6.42
CA PHE B 111 -7.63 -5.07 -6.84
C PHE B 111 -6.91 -3.95 -6.06
N ILE B 112 -7.62 -2.86 -5.80
CA ILE B 112 -7.09 -1.67 -5.16
C ILE B 112 -6.81 -1.94 -3.69
N ALA B 113 -7.62 -2.80 -3.10
CA ALA B 113 -7.55 -3.10 -1.68
C ALA B 113 -6.44 -4.08 -1.34
N THR B 114 -5.83 -4.68 -2.36
CA THR B 114 -4.77 -5.63 -2.14
C THR B 114 -3.46 -5.05 -2.64
N ASN B 115 -3.53 -4.22 -3.68
CA ASN B 115 -2.35 -3.51 -4.19
C ASN B 115 -1.90 -2.38 -3.30
N ARG B 116 -2.83 -1.51 -2.95
CA ARG B 116 -2.60 -0.48 -1.94
C ARG B 116 -1.53 0.53 -2.40
N GLY B 117 -1.17 0.46 -3.68
CA GLY B 117 -0.46 1.55 -4.32
C GLY B 117 -1.44 2.61 -4.83
N TYR B 118 -2.70 2.47 -4.41
CA TYR B 118 -3.82 3.28 -4.91
C TYR B 118 -4.83 3.61 -3.80
N LYS B 119 -5.12 4.88 -3.61
CA LYS B 119 -5.97 5.26 -2.48
C LYS B 119 -7.46 5.16 -2.84
N ASN B 120 -7.78 5.35 -4.11
CA ASN B 120 -9.16 5.13 -4.52
C ASN B 120 -9.32 4.88 -6.03
N ARG B 121 -10.57 4.82 -6.50
CA ARG B 121 -10.88 4.52 -7.89
C ARG B 121 -10.45 5.62 -8.83
N SER B 122 -10.67 6.86 -8.43
CA SER B 122 -10.26 7.95 -9.30
C SER B 122 -8.74 7.95 -9.49
N GLN B 123 -7.97 7.72 -8.43
CA GLN B 123 -6.52 7.75 -8.59
C GLN B 123 -6.06 6.61 -9.48
N PHE B 124 -6.65 5.43 -9.24
CA PHE B 124 -6.31 4.23 -9.98
C PHE B 124 -6.60 4.35 -11.49
N LEU B 125 -7.83 4.73 -11.84
CA LEU B 125 -8.17 4.84 -13.26
C LEU B 125 -7.54 6.07 -13.90
N ALA B 126 -7.25 7.11 -13.10
CA ALA B 126 -6.51 8.27 -13.64
C ALA B 126 -5.07 7.86 -13.97
N GLU B 127 -4.43 7.13 -13.06
CA GLU B 127 -3.08 6.67 -13.34
C GLU B 127 -3.04 5.80 -14.60
N LEU B 128 -3.94 4.82 -14.71
CA LEU B 128 -3.98 3.99 -15.90
C LEU B 128 -4.23 4.80 -17.18
N ALA B 129 -4.91 5.93 -17.04
CA ALA B 129 -5.32 6.69 -18.21
C ALA B 129 -4.22 7.60 -18.72
N ARG B 130 -3.48 8.19 -17.79
CA ARG B 130 -2.41 9.11 -18.18
C ARG B 130 -1.25 8.38 -18.86
N GLU B 131 -1.03 7.11 -18.55
CA GLU B 131 0.05 6.42 -19.24
C GLU B 131 -0.31 5.92 -20.63
N LYS B 132 -1.55 5.48 -20.87
CA LYS B 132 -1.92 5.09 -22.24
C LYS B 132 -1.78 6.24 -23.21
N ILE B 133 -2.10 7.43 -22.73
CA ILE B 133 -2.13 8.59 -23.61
C ILE B 133 -0.76 9.24 -23.74
N ILE B 134 -0.16 9.56 -22.60
CA ILE B 134 1.12 10.23 -22.61
C ILE B 134 2.08 9.60 -21.60
N SER B 135 2.90 8.68 -22.11
CA SER B 135 3.88 7.98 -21.31
C SER B 135 5.27 8.52 -21.57
N LEU B 136 6.14 8.38 -20.58
CA LEU B 136 7.54 8.63 -20.80
C LEU B 136 8.24 7.27 -20.97
N GLU B 137 7.44 6.21 -20.92
CA GLU B 137 7.88 4.85 -21.20
C GLU B 137 9.09 4.49 -20.35
N MSE C 1 19.04 20.91 2.08
CA MSE C 1 20.44 20.54 2.03
C MSE C 1 20.56 19.22 1.26
O MSE C 1 19.63 18.41 1.24
CB MSE C 1 21.03 20.42 3.44
CG MSE C 1 20.51 19.24 4.24
SE MSE C 1 20.90 19.26 6.16
CE MSE C 1 19.45 20.31 6.66
N ILE C 2 21.70 19.02 0.61
CA ILE C 2 21.87 17.91 -0.31
C ILE C 2 22.64 16.78 0.31
N TYR C 3 22.09 15.58 0.23
CA TYR C 3 22.90 14.41 0.58
C TYR C 3 23.07 13.52 -0.63
N PRO C 4 24.31 13.11 -0.90
CA PRO C 4 24.60 12.23 -2.02
C PRO C 4 24.27 10.80 -1.69
N ILE C 5 23.68 10.08 -2.62
CA ILE C 5 23.44 8.66 -2.41
C ILE C 5 24.01 7.78 -3.53
N PHE C 6 24.63 6.66 -3.17
CA PHE C 6 25.08 5.67 -4.14
C PHE C 6 23.91 4.77 -4.44
N ILE C 7 23.62 4.57 -5.72
CA ILE C 7 22.48 3.77 -6.16
C ILE C 7 22.95 2.59 -7.00
N PHE C 8 22.47 1.40 -6.65
CA PHE C 8 22.87 0.19 -7.34
C PHE C 8 21.70 -0.59 -7.92
N LYS C 9 21.84 -0.98 -9.19
CA LYS C 9 20.90 -1.85 -9.90
C LYS C 9 20.75 -3.19 -9.20
N THR C 10 19.51 -3.58 -8.92
CA THR C 10 19.33 -4.88 -8.27
C THR C 10 18.44 -5.66 -9.23
N VAL C 11 18.25 -6.96 -9.00
CA VAL C 11 17.57 -7.81 -9.99
C VAL C 11 16.19 -7.28 -10.38
N GLU C 12 15.32 -7.01 -9.41
CA GLU C 12 14.08 -6.31 -9.71
C GLU C 12 14.04 -5.04 -8.87
N GLY C 13 14.75 -4.03 -9.33
CA GLY C 13 14.79 -2.76 -8.62
C GLY C 13 16.17 -2.18 -8.35
N PHE C 14 16.28 -1.52 -7.21
CA PHE C 14 17.50 -0.84 -6.86
C PHE C 14 17.85 -1.06 -5.41
N ASP C 15 19.04 -0.61 -5.07
CA ASP C 15 19.70 -0.85 -3.81
C ASP C 15 20.49 0.43 -3.62
N GLY C 16 20.85 0.81 -2.40
CA GLY C 16 21.58 2.05 -2.22
C GLY C 16 21.90 2.42 -0.80
N TYR C 17 22.79 3.40 -0.62
CA TYR C 17 23.07 3.98 0.70
C TYR C 17 23.64 5.39 0.60
N PHE C 18 23.77 6.01 1.77
CA PHE C 18 24.31 7.34 1.96
C PHE C 18 25.76 7.26 2.47
N PRO C 19 26.75 7.57 1.61
CA PRO C 19 28.17 7.50 2.01
C PRO C 19 28.55 8.40 3.19
N ASP C 20 27.69 9.34 3.58
CA ASP C 20 27.98 10.20 4.73
C ASP C 20 27.17 9.88 5.96
N ILE C 21 26.42 8.80 5.93
CA ILE C 21 25.65 8.41 7.09
C ILE C 21 25.87 6.93 7.26
N ASP C 22 26.60 6.53 8.27
CA ASP C 22 26.89 5.12 8.45
C ASP C 22 25.64 4.37 8.91
N GLY C 23 25.29 3.28 8.25
CA GLY C 23 24.17 2.47 8.68
C GLY C 23 22.83 2.90 8.08
N CYS C 24 22.88 3.83 7.14
CA CYS C 24 21.66 4.29 6.51
C CYS C 24 21.61 3.83 5.07
N PHE C 25 20.96 2.71 4.82
CA PHE C 25 20.89 2.19 3.48
C PHE C 25 19.42 2.10 3.12
N PHE C 26 19.11 1.72 1.88
CA PHE C 26 17.71 1.67 1.48
C PHE C 26 17.59 0.77 0.25
N ALA C 27 16.37 0.53 -0.21
CA ALA C 27 16.10 -0.28 -1.40
C ALA C 27 14.69 -0.02 -1.90
N GLY C 28 14.35 -0.52 -3.09
CA GLY C 28 13.03 -0.32 -3.67
C GLY C 28 12.90 -0.93 -5.05
N ASN C 29 11.80 -0.62 -5.73
CA ASN C 29 11.46 -1.27 -6.99
C ASN C 29 11.31 -0.32 -8.16
N THR C 30 10.58 0.76 -7.94
CA THR C 30 10.32 1.68 -9.04
C THR C 30 11.16 2.94 -8.90
N PHE C 31 11.08 3.84 -9.87
CA PHE C 31 11.90 5.04 -9.86
C PHE C 31 11.47 6.03 -8.77
N ALA C 32 10.18 6.27 -8.63
CA ALA C 32 9.65 7.06 -7.51
C ALA C 32 10.22 6.55 -6.19
N ASP C 33 10.27 5.25 -6.04
CA ASP C 33 10.85 4.64 -4.87
C ASP C 33 12.21 5.19 -4.52
N ILE C 34 12.94 5.69 -5.50
CA ILE C 34 14.32 5.98 -5.21
C ILE C 34 14.40 7.11 -4.20
N SER C 35 13.87 8.28 -4.52
CA SER C 35 14.05 9.39 -3.57
C SER C 35 13.17 9.16 -2.36
N LYS C 36 12.02 8.55 -2.56
CA LYS C 36 11.11 8.31 -1.47
C LYS C 36 11.76 7.42 -0.42
N ASN C 37 12.23 6.25 -0.83
CA ASN C 37 12.78 5.28 0.11
C ASN C 37 14.04 5.78 0.74
N ALA C 38 14.72 6.66 0.04
CA ALA C 38 15.99 7.16 0.54
C ALA C 38 15.73 8.18 1.64
N GLU C 39 14.82 9.13 1.41
CA GLU C 39 14.50 10.09 2.45
C GLU C 39 13.88 9.39 3.68
N GLU C 40 13.15 8.31 3.43
CA GLU C 40 12.58 7.55 4.53
C GLU C 40 13.67 6.88 5.37
N ALA C 41 14.63 6.21 4.74
CA ALA C 41 15.74 5.65 5.51
C ALA C 41 16.44 6.74 6.34
N PHE C 42 16.62 7.90 5.73
CA PHE C 42 17.19 9.04 6.41
C PHE C 42 16.35 9.51 7.61
N ALA C 43 15.04 9.56 7.43
CA ALA C 43 14.22 10.10 8.49
C ALA C 43 14.28 9.14 9.69
N VAL C 44 14.30 7.86 9.38
CA VAL C 44 14.29 6.83 10.40
C VAL C 44 15.61 6.75 11.11
N HIS C 45 16.69 6.83 10.34
CA HIS C 45 18.02 6.80 10.92
C HIS C 45 18.23 8.06 11.76
N ILE C 46 17.84 9.20 11.21
CA ILE C 46 18.00 10.44 11.94
C ILE C 46 17.22 10.44 13.24
N GLU C 47 16.07 9.78 13.26
CA GLU C 47 15.32 9.63 14.51
C GLU C 47 16.02 8.69 15.49
N ALA C 48 16.51 7.55 15.00
CA ALA C 48 17.21 6.61 15.89
C ALA C 48 18.40 7.30 16.56
N LEU C 49 19.15 8.06 15.76
CA LEU C 49 20.37 8.70 16.26
C LEU C 49 20.01 9.63 17.37
N MSE C 50 19.15 10.60 17.10
CA MSE C 50 18.96 11.59 18.14
C MSE C 50 18.06 11.06 19.23
O MSE C 50 18.00 11.66 20.30
CB MSE C 50 18.39 12.89 17.62
CG MSE C 50 16.97 12.84 17.26
SE MSE C 50 16.64 14.59 16.55
CE MSE C 50 17.40 14.36 14.78
N ASN C 51 17.37 9.97 18.98
CA ASN C 51 16.68 9.31 20.06
C ASN C 51 17.70 8.94 21.12
N GLU C 52 18.78 8.28 20.69
CA GLU C 52 19.82 7.83 21.60
C GLU C 52 20.93 8.85 21.73
N GLY C 53 20.61 10.11 21.41
CA GLY C 53 21.56 11.21 21.50
C GLY C 53 22.92 10.99 20.85
N PHE C 54 22.92 10.54 19.60
CA PHE C 54 24.14 10.39 18.84
C PHE C 54 24.32 11.67 18.08
N PRO C 55 25.54 11.93 17.59
CA PRO C 55 25.70 13.10 16.73
C PRO C 55 25.00 12.86 15.40
N LEU C 56 24.26 13.86 14.95
CA LEU C 56 23.64 13.81 13.64
C LEU C 56 24.66 14.00 12.52
N PRO C 57 24.35 13.49 11.33
CA PRO C 57 25.28 13.68 10.20
C PRO C 57 25.12 15.06 9.57
N SER C 58 26.06 15.48 8.74
CA SER C 58 25.91 16.74 8.02
C SER C 58 26.19 16.53 6.54
N PRO C 59 25.44 17.21 5.65
CA PRO C 59 25.78 17.11 4.23
C PRO C 59 27.26 17.41 3.95
N PRO C 60 27.90 16.60 3.10
CA PRO C 60 29.34 16.77 2.85
C PRO C 60 29.61 18.08 2.13
N LYS C 61 30.88 18.36 1.88
CA LYS C 61 31.28 19.60 1.22
C LYS C 61 30.88 19.61 -0.24
N ASP C 62 31.72 19.01 -1.07
CA ASP C 62 31.48 19.03 -2.51
C ASP C 62 30.87 17.72 -2.88
N PRO C 63 29.54 17.61 -2.85
CA PRO C 63 29.00 16.27 -3.04
C PRO C 63 29.21 15.71 -4.46
N HIS C 64 29.52 16.58 -5.43
CA HIS C 64 29.74 16.11 -6.79
C HIS C 64 31.04 15.31 -6.94
N ARG C 65 32.02 15.55 -6.07
CA ARG C 65 33.33 14.87 -6.08
C ARG C 65 33.16 13.37 -5.84
N TYR C 66 31.98 12.97 -5.36
CA TYR C 66 31.69 11.55 -5.17
C TYR C 66 31.59 10.72 -6.46
N ILE C 67 31.43 11.35 -7.63
CA ILE C 67 31.27 10.54 -8.84
C ILE C 67 32.52 9.73 -9.11
N ASP C 68 33.60 10.11 -8.46
CA ASP C 68 34.88 9.43 -8.66
C ASP C 68 35.21 8.44 -7.56
N ASP C 69 34.19 8.04 -6.79
CA ASP C 69 34.42 7.19 -5.62
C ASP C 69 34.57 5.73 -5.99
N PRO C 70 35.67 5.09 -5.58
CA PRO C 70 35.87 3.67 -5.84
C PRO C 70 34.65 2.87 -5.40
N ARG C 71 33.99 3.29 -4.32
CA ARG C 71 32.80 2.58 -3.81
C ARG C 71 31.64 2.60 -4.80
N LEU C 72 31.83 3.20 -5.96
CA LEU C 72 30.75 3.46 -6.90
C LEU C 72 31.03 2.72 -8.20
N LYS C 73 32.22 2.91 -8.73
CA LYS C 73 32.60 2.23 -9.96
C LYS C 73 32.95 0.76 -9.71
N GLU C 74 33.55 0.44 -8.57
CA GLU C 74 33.95 -0.94 -8.27
C GLU C 74 32.75 -1.81 -7.96
N GLU C 75 31.56 -1.26 -8.11
CA GLU C 75 30.34 -1.98 -7.78
C GLU C 75 29.21 -1.58 -8.76
N GLY C 76 29.53 -0.75 -9.74
CA GLY C 76 28.63 -0.48 -10.83
C GLY C 76 27.54 0.54 -10.58
N GLY C 77 27.68 1.31 -9.50
CA GLY C 77 26.64 2.25 -9.10
C GLY C 77 26.64 3.60 -9.76
N ILE C 78 25.65 4.42 -9.43
CA ILE C 78 25.59 5.82 -9.88
C ILE C 78 25.38 6.74 -8.68
N LEU C 79 25.53 8.04 -8.92
CA LEU C 79 25.39 9.00 -7.84
C LEU C 79 24.08 9.76 -8.00
N GLY C 80 23.33 9.91 -6.92
CA GLY C 80 22.19 10.79 -6.97
C GLY C 80 22.16 11.81 -5.84
N PHE C 81 21.38 12.87 -6.04
CA PHE C 81 21.21 13.90 -5.01
C PHE C 81 19.83 13.94 -4.41
N VAL C 82 19.75 13.61 -3.13
CA VAL C 82 18.53 13.92 -2.42
C VAL C 82 18.66 15.26 -1.70
N GLU C 83 17.64 16.07 -1.92
CA GLU C 83 17.51 17.35 -1.26
C GLU C 83 16.67 17.11 -0.02
N ILE C 84 17.10 17.65 1.10
CA ILE C 84 16.38 17.48 2.35
C ILE C 84 16.25 18.80 3.10
N ASP C 85 15.01 19.15 3.43
CA ASP C 85 14.70 20.33 4.23
C ASP C 85 15.09 20.09 5.68
N PRO C 86 15.91 21.00 6.27
CA PRO C 86 16.38 21.01 7.67
C PRO C 86 15.27 21.09 8.68
N ALA C 87 14.25 21.84 8.32
CA ALA C 87 13.13 22.09 9.20
C ALA C 87 12.41 20.79 9.57
N LYS C 88 12.24 19.88 8.60
CA LYS C 88 11.43 18.70 8.82
C LYS C 88 12.02 17.83 9.90
N TYR C 89 13.29 18.07 10.20
CA TYR C 89 14.06 17.19 11.09
C TYR C 89 14.58 17.89 12.33
N GLU C 90 13.98 19.02 12.69
CA GLU C 90 14.31 19.69 13.94
C GLU C 90 13.77 18.88 15.13
N SER C 91 14.35 19.10 16.31
CA SER C 91 14.04 18.27 17.46
C SER C 91 12.87 18.82 18.28
N LYS C 92 12.50 20.07 18.01
CA LYS C 92 11.45 20.72 18.80
C LYS C 92 10.09 20.06 18.61
N ALA C 93 9.28 20.11 19.66
CA ALA C 93 7.93 19.57 19.66
C ALA C 93 7.04 20.16 18.58
N VAL C 94 5.99 19.42 18.24
CA VAL C 94 4.97 19.91 17.34
C VAL C 94 3.70 19.23 17.81
N LYS C 95 2.57 19.92 17.69
CA LYS C 95 1.31 19.31 18.09
C LYS C 95 0.39 19.05 16.95
N PHE C 96 -0.41 18.00 17.15
CA PHE C 96 -1.35 17.58 16.14
C PHE C 96 -2.44 16.70 16.70
N ASN C 97 -3.36 16.42 15.79
CA ASN C 97 -4.71 16.01 16.08
C ASN C 97 -4.93 14.58 15.65
N LEU C 98 -5.50 13.76 16.53
CA LEU C 98 -5.76 12.37 16.16
C LEU C 98 -7.19 11.97 16.49
N THR C 99 -7.69 11.04 15.69
CA THR C 99 -9.08 10.66 15.72
C THR C 99 -9.19 9.16 15.92
N MSE C 100 -9.57 8.74 17.13
CA MSE C 100 -9.84 7.33 17.39
C MSE C 100 -10.84 7.07 18.54
O MSE C 100 -10.92 7.84 19.50
CB MSE C 100 -8.53 6.56 17.68
CG MSE C 100 -7.80 6.96 18.95
SE MSE C 100 -6.05 6.06 19.08
CE MSE C 100 -5.09 7.18 17.82
N SER C 101 -11.57 5.96 18.39
CA SER C 101 -12.68 5.57 19.25
C SER C 101 -12.37 5.51 20.74
N GLN C 102 -13.36 5.91 21.54
CA GLN C 102 -13.23 6.06 23.00
C GLN C 102 -12.71 4.83 23.70
N ASN C 103 -13.23 3.65 23.35
CA ASN C 103 -12.81 2.43 24.02
C ASN C 103 -11.33 2.18 23.84
N LEU C 104 -10.88 2.39 22.62
CA LEU C 104 -9.46 2.35 22.32
C LEU C 104 -8.71 3.36 23.20
N LEU C 105 -9.17 4.61 23.16
CA LEU C 105 -8.49 5.69 23.86
C LEU C 105 -8.30 5.39 25.35
N THR C 106 -9.37 4.99 26.02
CA THR C 106 -9.32 4.68 27.45
C THR C 106 -8.63 3.35 27.74
N ALA C 107 -8.64 2.43 26.77
CA ALA C 107 -7.84 1.22 26.90
C ALA C 107 -6.37 1.60 27.03
N ILE C 108 -5.98 2.65 26.31
CA ILE C 108 -4.63 3.21 26.36
C ILE C 108 -4.34 3.89 27.68
N ASP C 109 -5.32 4.66 28.15
CA ASP C 109 -5.18 5.41 29.39
C ASP C 109 -4.96 4.54 30.64
N LYS C 110 -5.58 3.38 30.74
CA LYS C 110 -5.28 2.55 31.91
C LYS C 110 -4.19 1.58 31.54
N PHE C 111 -3.70 1.71 30.32
CA PHE C 111 -2.41 1.13 29.98
C PHE C 111 -1.43 2.27 30.17
N ILE C 112 -1.92 3.44 30.62
CA ILE C 112 -0.96 4.44 31.11
C ILE C 112 -1.15 4.61 32.62
N ALA C 113 -1.61 3.56 33.29
CA ALA C 113 -1.67 3.56 34.76
C ALA C 113 -0.81 2.45 35.38
N THR C 114 -0.51 1.41 34.61
CA THR C 114 0.24 0.23 35.06
C THR C 114 1.78 0.28 34.80
N ASN C 115 2.20 -0.12 33.60
CA ASN C 115 3.61 -0.32 33.26
C ASN C 115 4.47 0.91 33.13
N ARG C 116 4.34 1.88 34.01
CA ARG C 116 4.82 3.22 33.67
C ARG C 116 6.31 3.36 33.40
N GLY C 117 6.71 2.73 32.30
CA GLY C 117 7.82 3.16 31.47
C GLY C 117 7.10 3.96 30.39
N TYR C 118 5.79 4.13 30.62
CA TYR C 118 4.88 4.84 29.73
C TYR C 118 4.12 5.91 30.51
N LYS C 119 4.57 7.16 30.43
CA LYS C 119 4.10 8.21 31.35
C LYS C 119 2.85 8.98 30.85
N ASN C 120 2.79 9.27 29.56
CA ASN C 120 1.60 9.92 28.98
C ASN C 120 1.32 9.38 27.57
N ARG C 121 0.21 9.82 26.97
CA ARG C 121 -0.19 9.33 25.65
C ARG C 121 0.89 9.58 24.57
N SER C 122 1.44 10.78 24.55
CA SER C 122 2.40 11.14 23.51
C SER C 122 3.66 10.29 23.61
N GLN C 123 4.19 10.16 24.82
CA GLN C 123 5.37 9.33 25.02
C GLN C 123 5.05 7.90 24.58
N PHE C 124 3.93 7.37 25.07
CA PHE C 124 3.48 6.00 24.76
C PHE C 124 3.41 5.73 23.25
N LEU C 125 2.65 6.59 22.58
CA LEU C 125 2.49 6.49 21.16
C LEU C 125 3.80 6.65 20.39
N ALA C 126 4.73 7.42 20.95
CA ALA C 126 5.99 7.65 20.24
C ALA C 126 6.89 6.44 20.42
N GLU C 127 6.81 5.81 21.59
CA GLU C 127 7.64 4.65 21.87
C GLU C 127 7.35 3.53 20.89
N LEU C 128 6.06 3.27 20.71
CA LEU C 128 5.59 2.28 19.78
C LEU C 128 5.81 2.70 18.32
N ALA C 129 5.54 3.97 18.01
CA ALA C 129 5.96 4.53 16.72
C ALA C 129 7.44 4.28 16.45
N ARG C 130 8.26 4.43 17.47
CA ARG C 130 9.70 4.22 17.33
C ARG C 130 10.01 2.76 17.07
N GLU C 131 9.45 1.91 17.90
CA GLU C 131 9.65 0.47 17.83
C GLU C 131 9.32 -0.07 16.44
N LYS C 132 8.25 0.46 15.85
CA LYS C 132 7.77 0.01 14.57
C LYS C 132 8.74 0.34 13.45
N ILE C 133 9.07 1.62 13.32
CA ILE C 133 9.77 2.09 12.13
C ILE C 133 11.27 1.80 12.16
N ILE C 134 11.83 1.56 13.34
CA ILE C 134 13.14 0.90 13.41
C ILE C 134 12.94 -0.55 12.97
N SER C 135 12.87 -0.75 11.65
CA SER C 135 12.76 -2.07 11.00
C SER C 135 12.58 -1.89 9.50
N MSE D 1 -12.05 -5.36 9.90
CA MSE D 1 -10.93 -6.26 10.13
C MSE D 1 -11.41 -7.70 10.25
O MSE D 1 -12.61 -7.94 10.35
CB MSE D 1 -10.16 -5.89 11.37
CG MSE D 1 -10.96 -6.14 12.62
SE MSE D 1 -10.09 -5.43 14.22
CE MSE D 1 -10.58 -3.56 13.96
N ILE D 2 -10.49 -8.64 10.28
CA ILE D 2 -10.85 -10.02 10.02
C ILE D 2 -10.39 -11.01 11.05
N TYR D 3 -11.34 -11.58 11.79
CA TYR D 3 -11.05 -12.60 12.78
C TYR D 3 -11.12 -13.95 12.13
N PRO D 4 -10.38 -14.92 12.67
CA PRO D 4 -10.49 -16.32 12.26
C PRO D 4 -11.59 -17.08 13.04
N ILE D 5 -12.29 -17.96 12.33
CA ILE D 5 -13.22 -18.91 12.94
C ILE D 5 -12.84 -20.29 12.49
N PHE D 6 -13.11 -21.28 13.33
CA PHE D 6 -12.97 -22.67 12.93
C PHE D 6 -14.38 -23.21 12.71
N ILE D 7 -14.56 -24.05 11.69
CA ILE D 7 -15.90 -24.53 11.31
C ILE D 7 -15.94 -26.05 11.18
N PHE D 8 -16.95 -26.66 11.80
CA PHE D 8 -17.07 -28.13 11.82
C PHE D 8 -18.39 -28.63 11.27
N LYS D 9 -18.31 -29.57 10.33
CA LYS D 9 -19.50 -30.24 9.83
C LYS D 9 -20.08 -31.11 10.92
N THR D 10 -21.40 -31.06 11.09
CA THR D 10 -22.06 -31.94 12.05
C THR D 10 -23.22 -32.67 11.36
N VAL D 11 -24.02 -33.36 12.16
CA VAL D 11 -25.19 -34.03 11.62
C VAL D 11 -26.30 -33.01 11.45
N GLU D 12 -26.31 -31.98 12.30
CA GLU D 12 -27.39 -31.01 12.28
C GLU D 12 -27.13 -29.88 11.29
N GLY D 13 -25.86 -29.70 10.94
CA GLY D 13 -25.43 -28.62 10.07
C GLY D 13 -23.96 -28.29 10.28
N PHE D 14 -23.69 -27.23 11.04
CA PHE D 14 -22.31 -26.86 11.39
C PHE D 14 -22.23 -26.18 12.75
N ASP D 15 -21.08 -26.32 13.42
CA ASP D 15 -20.78 -25.49 14.60
C ASP D 15 -19.29 -25.06 14.66
N GLY D 16 -19.03 -23.96 15.36
CA GLY D 16 -17.66 -23.51 15.52
C GLY D 16 -17.39 -22.54 16.66
N TYR D 17 -16.29 -21.81 16.52
CA TYR D 17 -15.84 -20.84 17.51
C TYR D 17 -14.70 -19.98 16.95
N PHE D 18 -14.52 -18.80 17.53
CA PHE D 18 -13.32 -18.03 17.29
C PHE D 18 -12.23 -18.64 18.15
N PRO D 19 -11.23 -19.26 17.53
CA PRO D 19 -10.21 -19.97 18.30
C PRO D 19 -9.33 -19.05 19.16
N ASP D 20 -9.41 -17.75 18.93
CA ASP D 20 -8.66 -16.79 19.72
C ASP D 20 -9.58 -16.13 20.71
N ILE D 21 -10.81 -16.59 20.82
CA ILE D 21 -11.70 -15.90 21.74
C ILE D 21 -12.44 -16.89 22.63
N ASP D 22 -11.98 -16.96 23.88
CA ASP D 22 -12.47 -17.90 24.88
C ASP D 22 -13.99 -17.93 24.98
N GLY D 23 -14.55 -19.12 24.75
CA GLY D 23 -15.96 -19.36 24.95
C GLY D 23 -16.91 -18.61 24.04
N CYS D 24 -16.55 -18.51 22.77
CA CYS D 24 -17.42 -17.79 21.84
C CYS D 24 -17.91 -18.72 20.72
N PHE D 25 -18.75 -19.67 21.11
CA PHE D 25 -19.23 -20.71 20.21
C PHE D 25 -20.45 -20.25 19.43
N PHE D 26 -20.60 -20.78 18.23
CA PHE D 26 -21.73 -20.45 17.37
C PHE D 26 -22.06 -21.62 16.46
N ALA D 27 -23.28 -21.63 15.92
CA ALA D 27 -23.70 -22.70 15.03
C ALA D 27 -24.82 -22.25 14.11
N GLY D 28 -25.23 -23.17 13.23
CA GLY D 28 -26.30 -22.87 12.28
C GLY D 28 -26.57 -24.08 11.42
N ASN D 29 -27.54 -23.94 10.53
CA ASN D 29 -28.02 -25.10 9.79
C ASN D 29 -27.49 -25.20 8.35
N THR D 30 -27.59 -24.14 7.55
CA THR D 30 -26.91 -24.16 6.25
C THR D 30 -25.62 -23.36 6.35
N PHE D 31 -24.80 -23.40 5.30
CA PHE D 31 -23.55 -22.66 5.28
C PHE D 31 -23.79 -21.19 4.96
N ALA D 32 -24.96 -20.89 4.40
CA ALA D 32 -25.34 -19.51 4.12
C ALA D 32 -25.25 -18.70 5.40
N ASP D 33 -25.52 -19.38 6.50
CA ASP D 33 -25.64 -18.76 7.81
C ASP D 33 -24.32 -18.35 8.50
N ILE D 34 -23.19 -18.80 7.96
CA ILE D 34 -21.93 -18.78 8.72
C ILE D 34 -21.47 -17.40 9.15
N SER D 35 -21.47 -16.44 8.24
CA SER D 35 -20.87 -15.16 8.59
C SER D 35 -21.71 -14.35 9.59
N LYS D 36 -23.03 -14.52 9.58
CA LYS D 36 -23.88 -13.72 10.45
C LYS D 36 -24.11 -14.40 11.80
N ASN D 37 -24.06 -15.71 11.83
CA ASN D 37 -24.28 -16.42 13.07
C ASN D 37 -23.05 -16.30 13.92
N ALA D 38 -21.92 -16.17 13.27
CA ALA D 38 -20.66 -16.03 13.95
C ALA D 38 -20.51 -14.60 14.46
N GLU D 39 -20.93 -13.61 13.69
CA GLU D 39 -20.74 -12.24 14.13
C GLU D 39 -21.69 -11.92 15.29
N GLU D 40 -22.86 -12.55 15.32
CA GLU D 40 -23.80 -12.30 16.41
C GLU D 40 -23.38 -13.03 17.70
N ALA D 41 -22.87 -14.25 17.56
CA ALA D 41 -22.24 -14.92 18.68
C ALA D 41 -21.23 -13.99 19.27
N PHE D 42 -20.45 -13.41 18.37
CA PHE D 42 -19.41 -12.46 18.70
C PHE D 42 -19.97 -11.27 19.44
N ALA D 43 -20.86 -10.54 18.78
CA ALA D 43 -21.38 -9.28 19.29
C ALA D 43 -21.85 -9.35 20.75
N VAL D 44 -22.50 -10.44 21.13
CA VAL D 44 -22.90 -10.58 22.51
C VAL D 44 -21.71 -10.99 23.37
N HIS D 45 -20.98 -12.04 23.01
CA HIS D 45 -19.90 -12.56 23.87
C HIS D 45 -18.94 -11.50 24.39
N ILE D 46 -18.75 -10.42 23.65
CA ILE D 46 -17.80 -9.44 24.09
C ILE D 46 -18.50 -8.18 24.55
N GLU D 47 -19.83 -8.24 24.65
CA GLU D 47 -20.59 -7.06 25.05
C GLU D 47 -20.24 -6.62 26.46
N ALA D 48 -19.99 -7.59 27.34
CA ALA D 48 -19.57 -7.28 28.70
C ALA D 48 -18.31 -6.42 28.68
N LEU D 49 -17.34 -6.85 27.87
CA LEU D 49 -16.00 -6.28 27.83
C LEU D 49 -16.01 -4.81 27.52
N MSE D 50 -17.02 -4.33 26.82
CA MSE D 50 -17.11 -2.91 26.67
C MSE D 50 -18.38 -2.29 27.21
O MSE D 50 -19.01 -1.46 26.54
CB MSE D 50 -16.90 -2.51 25.22
CG MSE D 50 -17.77 -3.21 24.21
SE MSE D 50 -16.78 -3.21 22.50
CE MSE D 50 -15.44 -4.57 22.95
N ASN D 51 -18.73 -2.66 28.43
CA ASN D 51 -19.29 -1.65 29.29
C ASN D 51 -18.04 -1.37 30.11
N GLU D 52 -17.18 -2.38 30.17
CA GLU D 52 -15.93 -2.31 30.93
C GLU D 52 -14.81 -1.62 30.18
N GLY D 53 -15.14 -1.00 29.06
CA GLY D 53 -14.20 -0.18 28.28
C GLY D 53 -12.98 -0.89 27.72
N PHE D 54 -13.07 -2.18 27.46
CA PHE D 54 -11.97 -2.89 26.81
C PHE D 54 -12.05 -2.67 25.30
N PRO D 55 -10.95 -2.91 24.60
CA PRO D 55 -10.97 -2.82 23.15
C PRO D 55 -11.07 -4.22 22.51
N LEU D 56 -11.61 -4.30 21.30
CA LEU D 56 -11.56 -5.52 20.50
C LEU D 56 -10.13 -5.97 20.35
N PRO D 57 -9.85 -7.28 20.42
CA PRO D 57 -8.47 -7.70 20.22
C PRO D 57 -8.02 -7.44 18.79
N SER D 58 -6.74 -7.69 18.52
CA SER D 58 -6.18 -7.42 17.23
C SER D 58 -6.26 -8.68 16.43
N PRO D 59 -6.68 -8.54 15.17
CA PRO D 59 -6.61 -9.67 14.26
C PRO D 59 -5.18 -10.13 14.20
N PRO D 60 -4.93 -11.41 14.46
CA PRO D 60 -3.62 -12.05 14.37
C PRO D 60 -2.98 -11.78 13.02
N LYS D 61 -1.76 -12.28 12.82
CA LYS D 61 -1.10 -12.01 11.55
C LYS D 61 -0.43 -13.24 10.96
N ASP D 62 0.15 -14.11 11.77
CA ASP D 62 0.82 -15.27 11.18
C ASP D 62 -0.17 -16.30 10.64
N PRO D 63 -0.17 -16.52 9.32
CA PRO D 63 -1.04 -17.55 8.78
C PRO D 63 -0.54 -18.96 9.07
N HIS D 64 0.73 -19.11 9.43
CA HIS D 64 1.28 -20.45 9.66
C HIS D 64 0.70 -21.06 10.94
N ARG D 65 0.65 -20.24 12.00
CA ARG D 65 0.04 -20.61 13.27
C ARG D 65 -1.25 -21.37 13.02
N TYR D 66 -2.06 -20.86 12.10
CA TYR D 66 -3.38 -21.39 11.81
C TYR D 66 -3.34 -22.59 10.87
N ILE D 67 -2.52 -22.51 9.82
CA ILE D 67 -2.47 -23.62 8.88
C ILE D 67 -2.07 -24.89 9.59
N ASP D 68 -1.17 -24.78 10.55
CA ASP D 68 -0.68 -25.98 11.23
C ASP D 68 -1.46 -26.34 12.49
N ASP D 69 -2.43 -25.51 12.87
CA ASP D 69 -3.24 -25.78 14.06
C ASP D 69 -3.79 -27.18 13.98
N PRO D 70 -3.54 -27.97 15.03
CA PRO D 70 -4.00 -29.36 15.08
C PRO D 70 -5.45 -29.49 14.63
N ARG D 71 -6.29 -28.55 15.07
CA ARG D 71 -7.73 -28.64 14.84
C ARG D 71 -8.12 -28.63 13.36
N LEU D 72 -7.18 -28.30 12.46
CA LEU D 72 -7.56 -28.14 11.05
C LEU D 72 -7.04 -29.22 10.09
N LYS D 73 -5.84 -29.76 10.28
CA LYS D 73 -5.46 -30.94 9.49
C LYS D 73 -6.03 -32.20 10.13
N GLU D 74 -5.91 -32.27 11.45
CA GLU D 74 -6.39 -33.43 12.18
C GLU D 74 -7.91 -33.52 12.16
N GLU D 75 -8.53 -33.01 13.22
CA GLU D 75 -9.94 -33.26 13.53
C GLU D 75 -10.96 -32.80 12.44
N GLY D 76 -10.46 -32.24 11.34
CA GLY D 76 -11.30 -31.90 10.20
C GLY D 76 -12.02 -30.56 10.31
N GLY D 77 -11.29 -29.55 10.75
CA GLY D 77 -11.84 -28.23 10.80
C GLY D 77 -11.73 -27.54 9.45
N ILE D 78 -12.61 -26.57 9.24
CA ILE D 78 -12.58 -25.77 8.04
C ILE D 78 -12.46 -24.32 8.45
N LEU D 79 -11.40 -23.67 7.94
CA LEU D 79 -11.11 -22.27 8.25
C LEU D 79 -12.06 -21.32 7.54
N GLY D 80 -12.46 -20.26 8.25
CA GLY D 80 -13.38 -19.27 7.73
C GLY D 80 -13.07 -17.90 8.28
N PHE D 81 -13.78 -16.90 7.77
CA PHE D 81 -13.42 -15.51 7.97
C PHE D 81 -14.60 -14.67 8.35
N VAL D 82 -14.47 -13.95 9.46
CA VAL D 82 -15.47 -12.95 9.80
C VAL D 82 -14.84 -11.58 9.73
N GLU D 83 -15.47 -10.68 8.98
CA GLU D 83 -14.97 -9.33 8.82
C GLU D 83 -15.71 -8.37 9.75
N ILE D 84 -14.97 -7.80 10.70
CA ILE D 84 -15.55 -7.01 11.78
C ILE D 84 -15.19 -5.54 11.78
N ASP D 85 -16.15 -4.70 11.45
CA ASP D 85 -15.96 -3.26 11.53
C ASP D 85 -15.83 -2.83 12.99
N PRO D 86 -14.73 -2.13 13.34
CA PRO D 86 -14.51 -1.59 14.70
C PRO D 86 -15.33 -0.34 14.99
N ALA D 87 -15.91 0.29 13.97
CA ALA D 87 -16.63 1.55 14.11
C ALA D 87 -17.73 1.41 15.16
N LYS D 88 -18.68 0.51 14.87
CA LYS D 88 -19.63 0.03 15.85
C LYS D 88 -18.85 -0.84 16.83
N TYR D 89 -19.50 -1.20 17.94
CA TYR D 89 -18.89 -1.84 19.13
C TYR D 89 -18.21 -0.79 20.04
N GLU D 90 -17.10 -0.22 19.59
CA GLU D 90 -16.39 0.79 20.39
C GLU D 90 -17.11 2.16 20.33
N SER D 91 -17.09 2.90 21.44
CA SER D 91 -17.73 4.22 21.51
C SER D 91 -17.22 5.14 20.40
N LYS D 92 -17.95 6.22 20.13
CA LYS D 92 -17.72 7.01 18.93
C LYS D 92 -16.32 7.59 18.82
N ALA D 93 -16.03 8.17 17.67
CA ALA D 93 -14.74 8.80 17.44
C ALA D 93 -14.53 9.99 18.40
N VAL D 94 -13.32 10.10 18.93
CA VAL D 94 -12.97 11.22 19.76
C VAL D 94 -11.66 11.83 19.26
N LYS D 95 -11.64 13.14 19.09
CA LYS D 95 -10.48 13.83 18.56
C LYS D 95 -9.71 14.45 19.70
N PHE D 96 -8.39 14.36 19.64
CA PHE D 96 -7.53 14.89 20.69
C PHE D 96 -6.21 15.45 20.14
N ASN D 97 -5.25 15.67 21.04
CA ASN D 97 -3.94 16.22 20.70
C ASN D 97 -2.81 15.30 21.08
N LEU D 98 -1.72 15.39 20.35
CA LEU D 98 -0.47 14.84 20.81
C LEU D 98 0.60 15.84 20.53
N THR D 99 1.74 15.61 21.15
CA THR D 99 2.94 16.29 20.74
C THR D 99 3.95 15.21 20.55
N MSE D 100 4.79 15.36 19.53
CA MSE D 100 6.07 14.65 19.52
C MSE D 100 7.05 15.47 18.69
O MSE D 100 6.69 16.50 18.13
CB MSE D 100 5.90 13.18 19.02
CG MSE D 100 5.25 12.94 17.64
SE MSE D 100 4.78 11.01 17.26
CE MSE D 100 3.04 10.83 18.12
N SER D 101 8.32 15.08 18.69
CA SER D 101 9.30 15.86 17.96
C SER D 101 9.02 15.82 16.46
N GLN D 102 9.27 16.93 15.77
CA GLN D 102 9.05 17.07 14.33
C GLN D 102 9.79 16.02 13.48
N ASN D 103 11.03 15.78 13.85
CA ASN D 103 11.78 14.61 13.46
C ASN D 103 10.92 13.38 13.30
N LEU D 104 10.49 12.85 14.44
CA LEU D 104 9.80 11.60 14.50
C LEU D 104 8.50 11.65 13.72
N LEU D 105 7.79 12.77 13.83
CA LEU D 105 6.56 12.92 13.09
C LEU D 105 6.84 12.83 11.59
N THR D 106 7.98 13.37 11.19
CA THR D 106 8.45 13.33 9.81
C THR D 106 8.71 11.90 9.38
N ALA D 107 9.42 11.18 10.24
CA ALA D 107 9.67 9.76 10.00
C ALA D 107 8.36 8.98 9.89
N ILE D 108 7.39 9.30 10.74
CA ILE D 108 6.12 8.58 10.72
C ILE D 108 5.41 8.81 9.38
N ASP D 109 5.26 10.07 9.00
CA ASP D 109 4.66 10.41 7.72
C ASP D 109 5.21 9.58 6.58
N LYS D 110 6.53 9.42 6.60
CA LYS D 110 7.22 8.82 5.49
C LYS D 110 7.12 7.30 5.48
N PHE D 111 7.04 6.70 6.65
CA PHE D 111 6.77 5.27 6.78
C PHE D 111 5.36 4.97 6.25
N ILE D 112 4.46 5.95 6.39
CA ILE D 112 3.09 5.76 5.97
C ILE D 112 2.97 6.05 4.46
N ALA D 113 3.71 7.03 3.98
CA ALA D 113 3.72 7.35 2.55
C ALA D 113 4.36 6.22 1.73
N THR D 114 5.13 5.38 2.41
CA THR D 114 5.99 4.39 1.77
C THR D 114 5.47 2.97 1.89
N ASN D 115 4.65 2.71 2.91
CA ASN D 115 4.02 1.40 3.06
C ASN D 115 2.52 1.39 2.72
N ARG D 116 1.94 2.59 2.59
CA ARG D 116 0.50 2.86 2.34
C ARG D 116 -0.49 1.70 2.55
N GLY D 117 -0.23 0.88 3.55
CA GLY D 117 -1.21 -0.07 4.03
C GLY D 117 -1.96 0.55 5.20
N TYR D 118 -1.59 1.78 5.54
CA TYR D 118 -2.11 2.38 6.76
C TYR D 118 -3.20 3.43 6.57
N LYS D 119 -3.00 4.35 5.63
CA LYS D 119 -3.91 5.46 5.28
C LYS D 119 -3.42 6.75 5.94
N ASN D 120 -3.55 6.85 7.26
CA ASN D 120 -3.13 8.07 7.94
C ASN D 120 -2.64 7.83 9.36
N ARG D 121 -2.24 8.91 10.01
CA ARG D 121 -1.63 8.81 11.33
C ARG D 121 -2.52 8.05 12.32
N SER D 122 -3.76 8.48 12.40
CA SER D 122 -4.75 7.87 13.28
C SER D 122 -4.83 6.35 13.06
N GLN D 123 -4.95 5.90 11.82
CA GLN D 123 -5.03 4.46 11.57
C GLN D 123 -3.72 3.79 11.97
N PHE D 124 -2.60 4.37 11.55
CA PHE D 124 -1.29 3.81 11.86
C PHE D 124 -1.07 3.69 13.38
N LEU D 125 -1.30 4.78 14.13
CA LEU D 125 -1.04 4.72 15.56
C LEU D 125 -2.09 3.89 16.29
N ALA D 126 -3.33 3.90 15.81
CA ALA D 126 -4.33 3.04 16.43
C ALA D 126 -3.91 1.58 16.33
N GLU D 127 -3.45 1.15 15.17
CA GLU D 127 -3.09 -0.25 15.00
C GLU D 127 -1.92 -0.66 15.91
N LEU D 128 -0.98 0.24 16.14
CA LEU D 128 0.15 -0.07 17.02
C LEU D 128 -0.30 -0.21 18.47
N ALA D 129 -1.20 0.69 18.86
CA ALA D 129 -1.78 0.66 20.18
C ALA D 129 -2.41 -0.71 20.44
N ARG D 130 -3.40 -1.02 19.61
CA ARG D 130 -4.19 -2.24 19.70
C ARG D 130 -3.34 -3.49 19.82
N GLU D 131 -2.19 -3.50 19.16
CA GLU D 131 -1.34 -4.67 19.10
C GLU D 131 -0.36 -4.81 20.27
N LYS D 132 -0.17 -3.76 21.06
CA LYS D 132 0.74 -3.87 22.21
C LYS D 132 -0.01 -4.46 23.39
N ILE D 133 -1.31 -4.20 23.39
CA ILE D 133 -2.21 -4.57 24.48
C ILE D 133 -2.78 -5.99 24.31
N ILE D 134 -2.84 -6.48 23.06
CA ILE D 134 -3.62 -7.68 22.71
C ILE D 134 -2.83 -8.87 22.12
N SER D 135 -2.12 -8.64 21.01
CA SER D 135 -1.31 -9.69 20.34
C SER D 135 -2.12 -10.93 19.92
N LEU D 136 -1.92 -12.04 20.65
CA LEU D 136 -2.44 -13.37 20.32
C LEU D 136 -3.68 -13.44 19.42
CL CL E . 17.49 17.03 -6.24
CL CL F . -16.64 -17.26 6.13
#